data_9ISW
#
_entry.id   9ISW
#
_cell.length_a   122.544
_cell.length_b   122.544
_cell.length_c   61.220
_cell.angle_alpha   90.000
_cell.angle_beta   90.000
_cell.angle_gamma   90.000
#
_symmetry.space_group_name_H-M   'I 41 2 2'
#
loop_
_entity.id
_entity.type
_entity.pdbx_description
1 polymer 'Transcriptional regulator'
2 water water
#
_entity_poly.entity_id   1
_entity_poly.type   'polypeptide(L)'
_entity_poly.pdbx_seq_one_letter_code
;MTFKAPDSLAEQIAHHLAERIIRGELKERERIQEQKVTQTLNVSRGSVREALLILERRHLVNILPRRGAQVSELSPQHVE
SLYALIVQLYILLAESVARRWRSEAELAPFLVIQQRLLNNLAQSDIDGFVEASFDIMRAAFPFANNPYLQETVENLLPAV
SRAYHLALERRKAEMNQFLGSFAQLLQAVIARDEARIREVLLEYGRHNCQLVLAALAER
;
_entity_poly.pdbx_strand_id   A
#
# COMPACT_ATOMS: atom_id res chain seq x y z
N ASP A 7 3.09 7.26 17.89
CA ASP A 7 1.71 6.91 17.53
C ASP A 7 0.76 7.11 18.72
N SER A 8 -0.29 7.91 18.52
CA SER A 8 -1.37 7.97 19.51
C SER A 8 -2.09 6.64 19.59
N LEU A 9 -2.83 6.43 20.68
CA LEU A 9 -3.59 5.19 20.79
C LEU A 9 -4.65 5.09 19.69
N ALA A 10 -5.25 6.22 19.31
CA ALA A 10 -6.18 6.21 18.19
C ALA A 10 -5.51 5.69 16.93
N GLU A 11 -4.28 6.11 16.68
CA GLU A 11 -3.58 5.67 15.47
C GLU A 11 -3.22 4.19 15.54
N GLN A 12 -2.85 3.70 16.73
CA GLN A 12 -2.58 2.28 16.89
C GLN A 12 -3.82 1.43 16.61
N ILE A 13 -4.97 1.83 17.16
CA ILE A 13 -6.21 1.08 16.92
C ILE A 13 -6.54 1.10 15.43
N ALA A 14 -6.46 2.27 14.79
CA ALA A 14 -6.74 2.34 13.36
C ALA A 14 -5.82 1.43 12.57
N HIS A 15 -4.52 1.43 12.90
CA HIS A 15 -3.60 0.52 12.20
C HIS A 15 -4.02 -0.92 12.38
N HIS A 16 -4.46 -1.29 13.59
CA HIS A 16 -4.90 -2.66 13.83
C HIS A 16 -6.12 -3.01 12.98
N LEU A 17 -7.12 -2.12 12.93
CA LEU A 17 -8.32 -2.42 12.16
C LEU A 17 -8.02 -2.35 10.66
N ALA A 18 -7.16 -1.43 10.24
CA ALA A 18 -6.78 -1.34 8.84
C ALA A 18 -6.14 -2.64 8.37
N GLU A 19 -5.26 -3.21 9.19
CA GLU A 19 -4.64 -4.47 8.78
C GLU A 19 -5.67 -5.57 8.60
N ARG A 20 -6.72 -5.57 9.43
CA ARG A 20 -7.76 -6.58 9.28
C ARG A 20 -8.60 -6.36 8.02
N ILE A 21 -8.86 -5.10 7.66
CA ILE A 21 -9.57 -4.82 6.41
C ILE A 21 -8.67 -5.15 5.22
N ILE A 22 -7.41 -4.76 5.29
CA ILE A 22 -6.46 -5.02 4.20
C ILE A 22 -6.34 -6.50 3.93
N ARG A 23 -6.26 -7.31 4.99
CA ARG A 23 -6.09 -8.76 4.85
C ARG A 23 -7.37 -9.48 4.46
N GLY A 24 -8.51 -8.79 4.41
CA GLY A 24 -9.76 -9.46 4.12
C GLY A 24 -10.43 -10.10 5.30
N GLU A 25 -9.91 -9.90 6.53
CA GLU A 25 -10.56 -10.47 7.70
C GLU A 25 -11.87 -9.75 8.02
N LEU A 26 -11.90 -8.44 7.85
CA LEU A 26 -13.14 -7.67 7.91
C LEU A 26 -13.58 -7.39 6.48
N LYS A 27 -14.78 -7.84 6.13
CA LYS A 27 -15.27 -7.86 4.76
C LYS A 27 -15.94 -6.56 4.37
N GLU A 28 -16.06 -6.34 3.06
CA GLU A 28 -16.86 -5.23 2.56
C GLU A 28 -18.23 -5.25 3.22
N ARG A 29 -18.70 -4.08 3.64
CA ARG A 29 -20.01 -3.81 4.23
C ARG A 29 -20.12 -4.33 5.66
N GLU A 30 -19.12 -5.06 6.17
CA GLU A 30 -19.16 -5.53 7.54
C GLU A 30 -19.17 -4.37 8.53
N ARG A 31 -19.90 -4.54 9.62
CA ARG A 31 -20.04 -3.48 10.62
C ARG A 31 -18.96 -3.59 11.69
N ILE A 32 -18.50 -2.43 12.15
CA ILE A 32 -17.56 -2.31 13.26
C ILE A 32 -18.28 -1.58 14.39
N GLN A 33 -18.40 -2.20 15.56
CA GLN A 33 -19.06 -1.58 16.71
C GLN A 33 -18.04 -0.99 17.67
N GLU A 34 -18.26 0.25 18.09
CA GLU A 34 -17.30 0.92 18.98
C GLU A 34 -17.10 0.14 20.26
N GLN A 35 -18.18 -0.35 20.88
CA GLN A 35 -18.04 -1.07 22.14
C GLN A 35 -17.36 -2.42 21.96
N LYS A 36 -17.62 -3.09 20.84
CA LYS A 36 -16.93 -4.37 20.59
C LYS A 36 -15.42 -4.16 20.50
N VAL A 37 -15.00 -3.09 19.83
CA VAL A 37 -13.57 -2.82 19.70
C VAL A 37 -12.95 -2.44 21.05
N THR A 38 -13.66 -1.62 21.83
CA THR A 38 -13.15 -1.26 23.16
C THR A 38 -12.94 -2.49 24.03
N GLN A 39 -13.85 -3.45 23.97
CA GLN A 39 -13.73 -4.64 24.80
C GLN A 39 -12.62 -5.56 24.28
N THR A 40 -12.56 -5.77 22.98
CA THR A 40 -11.57 -6.70 22.43
C THR A 40 -10.15 -6.20 22.65
N LEU A 41 -9.94 -4.88 22.54
CA LEU A 41 -8.61 -4.31 22.61
C LEU A 41 -8.27 -3.72 23.98
N ASN A 42 -9.26 -3.59 24.88
CA ASN A 42 -9.08 -3.03 26.20
C ASN A 42 -8.57 -1.59 26.13
N VAL A 43 -9.37 -0.75 25.45
CA VAL A 43 -9.00 0.62 25.14
C VAL A 43 -10.17 1.54 25.47
N SER A 44 -9.86 2.84 25.51
CA SER A 44 -10.87 3.86 25.76
C SER A 44 -11.79 4.04 24.56
N ARG A 45 -13.06 4.35 24.84
CA ARG A 45 -14.05 4.53 23.77
C ARG A 45 -13.71 5.73 22.91
N GLY A 46 -13.21 6.80 23.52
CA GLY A 46 -12.84 7.97 22.75
C GLY A 46 -11.74 7.64 21.75
N SER A 47 -10.83 6.75 22.15
CA SER A 47 -9.76 6.31 21.24
C SER A 47 -10.33 5.58 20.04
N VAL A 48 -11.29 4.68 20.28
CA VAL A 48 -11.91 3.93 19.19
C VAL A 48 -12.68 4.86 18.27
N ARG A 49 -13.44 5.81 18.84
CA ARG A 49 -14.15 6.78 18.01
C ARG A 49 -13.21 7.53 17.09
N GLU A 50 -12.09 8.02 17.63
CA GLU A 50 -11.11 8.70 16.79
C GLU A 50 -10.49 7.74 15.77
N ALA A 51 -10.22 6.50 16.18
CA ALA A 51 -9.68 5.50 15.26
C ALA A 51 -10.56 5.32 14.04
N LEU A 52 -11.89 5.29 14.25
CA LEU A 52 -12.81 5.14 13.11
C LEU A 52 -12.76 6.37 12.20
N LEU A 53 -12.63 7.57 12.77
CA LEU A 53 -12.48 8.78 11.95
C LEU A 53 -11.21 8.72 11.10
N ILE A 54 -10.12 8.19 11.65
CA ILE A 54 -8.92 7.99 10.87
C ILE A 54 -9.19 7.05 9.71
N LEU A 55 -9.80 5.90 10.00
CA LEU A 55 -10.10 4.93 8.94
C LEU A 55 -11.00 5.52 7.87
N GLU A 56 -11.93 6.39 8.27
CA GLU A 56 -12.78 7.03 7.28
C GLU A 56 -11.98 8.00 6.42
N ARG A 57 -11.08 8.77 7.04
CA ARG A 57 -10.19 9.65 6.31
C ARG A 57 -9.31 8.88 5.32
N ARG A 58 -8.94 7.64 5.67
CA ARG A 58 -8.12 6.77 4.83
C ARG A 58 -8.96 5.90 3.89
N HIS A 59 -10.26 6.17 3.81
CA HIS A 59 -11.18 5.56 2.84
C HIS A 59 -11.51 4.11 3.15
N LEU A 60 -11.20 3.61 4.35
CA LEU A 60 -11.45 2.19 4.62
C LEU A 60 -12.81 1.91 5.24
N VAL A 61 -13.47 2.91 5.83
CA VAL A 61 -14.79 2.71 6.41
C VAL A 61 -15.66 3.92 6.08
N ASN A 62 -16.97 3.70 6.15
CA ASN A 62 -17.95 4.79 6.16
C ASN A 62 -18.48 4.92 7.59
N ILE A 63 -18.54 6.16 8.08
CA ILE A 63 -19.17 6.43 9.37
C ILE A 63 -20.67 6.69 9.13
N GLY A 68 -21.66 4.08 14.56
CA GLY A 68 -20.71 3.03 14.24
C GLY A 68 -20.02 3.25 12.89
N ALA A 69 -19.44 2.20 12.32
CA ALA A 69 -18.84 2.31 10.99
C ALA A 69 -19.05 1.01 10.22
N GLN A 70 -18.95 1.11 8.90
CA GLN A 70 -19.04 -0.08 8.08
C GLN A 70 -17.86 -0.09 7.12
N VAL A 71 -17.28 -1.27 6.92
CA VAL A 71 -16.14 -1.38 6.02
C VAL A 71 -16.57 -0.98 4.62
N SER A 72 -15.79 -0.13 3.97
CA SER A 72 -16.23 0.44 2.70
C SER A 72 -16.24 -0.63 1.61
N GLU A 73 -17.08 -0.40 0.60
CA GLU A 73 -17.14 -1.30 -0.54
C GLU A 73 -16.11 -0.88 -1.59
N LEU A 74 -15.54 -1.87 -2.27
CA LEU A 74 -14.69 -1.61 -3.43
C LEU A 74 -15.55 -1.45 -4.65
N SER A 75 -15.11 -0.60 -5.57
CA SER A 75 -15.78 -0.47 -6.85
C SER A 75 -14.74 -0.27 -7.95
N PRO A 76 -15.08 -0.67 -9.18
CA PRO A 76 -14.12 -0.46 -10.28
C PRO A 76 -13.72 0.99 -10.45
N GLN A 77 -14.66 1.93 -10.36
CA GLN A 77 -14.29 3.34 -10.56
C GLN A 77 -13.36 3.84 -9.46
N HIS A 78 -13.55 3.40 -8.22
CA HIS A 78 -12.64 3.83 -7.16
C HIS A 78 -11.28 3.16 -7.29
N VAL A 79 -11.26 1.88 -7.66
CA VAL A 79 -9.98 1.23 -7.90
C VAL A 79 -9.22 1.94 -9.01
N GLU A 80 -9.90 2.21 -10.13
CA GLU A 80 -9.24 2.91 -11.23
C GLU A 80 -8.79 4.31 -10.79
N SER A 81 -9.63 4.99 -10.01
CA SER A 81 -9.27 6.29 -9.43
C SER A 81 -7.99 6.22 -8.62
N LEU A 82 -7.92 5.24 -7.72
CA LEU A 82 -6.76 5.09 -6.84
C LEU A 82 -5.50 4.83 -7.65
N TYR A 83 -5.57 3.91 -8.62
CA TYR A 83 -4.36 3.57 -9.37
C TYR A 83 -3.92 4.73 -10.26
N ALA A 84 -4.87 5.46 -10.87
CA ALA A 84 -4.50 6.59 -11.70
C ALA A 84 -3.72 7.62 -10.89
N LEU A 85 -4.11 7.83 -9.65
CA LEU A 85 -3.41 8.78 -8.78
C LEU A 85 -2.08 8.23 -8.29
N ILE A 86 -2.11 7.02 -7.71
CA ILE A 86 -0.91 6.51 -7.06
C ILE A 86 0.24 6.34 -8.04
N VAL A 87 -0.06 6.02 -9.30
CA VAL A 87 1.02 5.85 -10.25
C VAL A 87 1.75 7.17 -10.49
N GLN A 88 1.02 8.29 -10.53
CA GLN A 88 1.70 9.57 -10.69
C GLN A 88 2.51 9.92 -9.45
N LEU A 89 2.02 9.58 -8.26
CA LEU A 89 2.79 9.81 -7.04
C LEU A 89 4.06 8.95 -7.01
N TYR A 90 3.95 7.68 -7.42
CA TYR A 90 5.13 6.81 -7.48
C TYR A 90 6.15 7.32 -8.48
N ILE A 91 5.69 7.80 -9.64
CA ILE A 91 6.64 8.37 -10.59
C ILE A 91 7.38 9.55 -9.94
N LEU A 92 6.65 10.42 -9.25
CA LEU A 92 7.30 11.56 -8.59
C LEU A 92 8.36 11.09 -7.61
N LEU A 93 8.02 10.09 -6.79
CA LEU A 93 8.96 9.56 -5.80
C LEU A 93 10.18 8.94 -6.48
N ALA A 94 9.94 8.07 -7.46
CA ALA A 94 11.03 7.35 -8.11
C ALA A 94 11.94 8.30 -8.88
N GLU A 95 11.36 9.32 -9.53
CA GLU A 95 12.18 10.30 -10.23
C GLU A 95 13.05 11.09 -9.26
N SER A 96 12.52 11.39 -8.06
CA SER A 96 13.34 12.08 -7.07
C SER A 96 14.50 11.20 -6.58
N VAL A 97 14.27 9.90 -6.39
CA VAL A 97 15.38 9.03 -6.03
C VAL A 97 16.41 9.01 -7.15
N ALA A 98 15.93 8.91 -8.40
CA ALA A 98 16.82 8.78 -9.54
C ALA A 98 17.69 10.01 -9.70
N ARG A 99 17.15 11.20 -9.40
CA ARG A 99 17.92 12.43 -9.55
C ARG A 99 18.83 12.69 -8.35
N ARG A 100 18.45 12.23 -7.17
CA ARG A 100 19.12 12.69 -5.95
C ARG A 100 20.12 11.70 -5.37
N TRP A 101 20.05 10.41 -5.67
CA TRP A 101 21.02 9.51 -5.06
C TRP A 101 22.41 9.85 -5.59
N ARG A 102 23.40 9.86 -4.68
CA ARG A 102 24.77 10.23 -5.00
C ARG A 102 25.74 9.07 -4.99
N SER A 103 25.52 8.10 -4.10
CA SER A 103 26.37 6.93 -3.97
C SER A 103 25.49 5.70 -3.83
N GLU A 104 25.93 4.60 -4.44
CA GLU A 104 25.11 3.39 -4.48
C GLU A 104 24.79 2.85 -3.10
N ALA A 105 25.59 3.20 -2.09
CA ALA A 105 25.25 2.82 -0.71
C ALA A 105 23.88 3.36 -0.31
N GLU A 106 23.50 4.54 -0.83
CA GLU A 106 22.21 5.11 -0.47
C GLU A 106 21.04 4.28 -0.97
N LEU A 107 21.25 3.41 -1.96
CA LEU A 107 20.17 2.58 -2.47
C LEU A 107 20.06 1.23 -1.76
N ALA A 108 21.01 0.91 -0.89
CA ALA A 108 20.97 -0.36 -0.17
C ALA A 108 19.63 -0.68 0.50
N PRO A 109 18.89 0.28 1.09
CA PRO A 109 17.57 -0.07 1.62
C PRO A 109 16.68 -0.81 0.62
N PHE A 110 16.75 -0.46 -0.67
CA PHE A 110 15.90 -1.10 -1.66
C PHE A 110 16.30 -2.54 -1.89
N LEU A 111 17.61 -2.81 -1.78
CA LEU A 111 18.11 -4.16 -1.92
C LEU A 111 17.69 -5.02 -0.73
N VAL A 112 17.68 -4.44 0.46
CA VAL A 112 17.23 -5.18 1.64
C VAL A 112 15.74 -5.50 1.50
N ILE A 113 14.96 -4.54 0.98
CA ILE A 113 13.53 -4.80 0.79
C ILE A 113 13.32 -5.89 -0.25
N GLN A 114 14.14 -5.89 -1.31
CA GLN A 114 14.09 -6.96 -2.30
C GLN A 114 14.27 -8.32 -1.63
N GLN A 115 15.24 -8.42 -0.71
CA GLN A 115 15.44 -9.66 0.02
C GLN A 115 14.24 -9.99 0.89
N ARG A 116 13.65 -8.97 1.53
CA ARG A 116 12.49 -9.22 2.38
C ARG A 116 11.30 -9.69 1.57
N LEU A 117 11.08 -9.11 0.38
CA LEU A 117 10.02 -9.57 -0.49
C LEU A 117 10.23 -11.02 -0.88
N LEU A 118 11.45 -11.37 -1.26
CA LEU A 118 11.76 -12.75 -1.61
C LEU A 118 11.54 -13.70 -0.43
N ASN A 119 11.91 -13.27 0.78
CA ASN A 119 11.70 -14.10 1.97
C ASN A 119 10.21 -14.34 2.23
N ASN A 120 9.38 -13.31 2.07
CA ASN A 120 7.93 -13.51 2.25
C ASN A 120 7.36 -14.40 1.15
N LEU A 121 7.86 -14.25 -0.07
CA LEU A 121 7.41 -15.15 -1.13
C LEU A 121 7.76 -16.59 -0.80
N ALA A 122 9.01 -16.81 -0.37
CA ALA A 122 9.42 -18.16 0.05
C ALA A 122 8.52 -18.70 1.15
N GLN A 123 8.02 -17.84 2.02
CA GLN A 123 7.15 -18.26 3.10
C GLN A 123 5.67 -18.27 2.72
N SER A 124 5.34 -17.98 1.45
CA SER A 124 3.94 -17.90 1.01
C SER A 124 3.14 -16.95 1.88
N ASP A 125 3.76 -15.82 2.23
CA ASP A 125 3.22 -14.86 3.19
C ASP A 125 2.79 -13.60 2.44
N ILE A 126 1.55 -13.62 1.94
CA ILE A 126 1.02 -12.47 1.22
C ILE A 126 0.95 -11.25 2.14
N ASP A 127 0.54 -11.45 3.38
CA ASP A 127 0.45 -10.34 4.34
C ASP A 127 1.79 -9.63 4.48
N GLY A 128 2.87 -10.40 4.69
CA GLY A 128 4.17 -9.79 4.83
C GLY A 128 4.70 -9.20 3.54
N PHE A 129 4.35 -9.82 2.41
CA PHE A 129 4.74 -9.26 1.11
C PHE A 129 4.18 -7.85 0.93
N VAL A 130 2.89 -7.66 1.23
CA VAL A 130 2.30 -6.34 1.12
C VAL A 130 2.99 -5.36 2.06
N GLU A 131 3.16 -5.77 3.33
CA GLU A 131 3.81 -4.92 4.32
C GLU A 131 5.20 -4.46 3.86
N ALA A 132 5.99 -5.38 3.30
CA ALA A 132 7.33 -5.00 2.85
C ALA A 132 7.28 -4.14 1.59
N SER A 133 6.28 -4.34 0.72
CA SER A 133 6.17 -3.50 -0.47
C SER A 133 6.09 -2.03 -0.11
N PHE A 134 5.45 -1.72 1.01
CA PHE A 134 5.27 -0.34 1.36
C PHE A 134 6.53 0.30 1.92
N ASP A 135 7.48 -0.51 2.39
CA ASP A 135 8.77 0.05 2.77
C ASP A 135 9.52 0.64 1.58
N ILE A 136 9.21 0.23 0.35
CA ILE A 136 9.82 0.84 -0.84
C ILE A 136 9.52 2.34 -0.88
N MET A 137 8.24 2.69 -0.76
CA MET A 137 7.87 4.10 -0.72
C MET A 137 8.55 4.78 0.45
N ARG A 138 8.53 4.15 1.62
CA ARG A 138 9.10 4.76 2.81
C ARG A 138 10.60 5.01 2.64
N ALA A 139 11.31 4.09 1.96
CA ALA A 139 12.73 4.31 1.73
C ALA A 139 12.99 5.39 0.68
N ALA A 140 11.98 5.73 -0.13
CA ALA A 140 12.15 6.79 -1.11
C ALA A 140 11.97 8.18 -0.51
N PHE A 141 11.22 8.30 0.59
CA PHE A 141 10.90 9.62 1.15
C PHE A 141 12.11 10.50 1.41
N PRO A 142 13.21 10.03 2.00
CA PRO A 142 14.34 10.94 2.27
C PRO A 142 14.96 11.55 1.02
N PHE A 143 14.83 10.92 -0.15
CA PHE A 143 15.39 11.50 -1.36
C PHE A 143 14.53 12.65 -1.85
N ALA A 144 13.21 12.51 -1.73
CA ALA A 144 12.27 13.52 -2.20
C ALA A 144 12.24 14.72 -1.27
N ASN A 145 12.35 14.49 0.04
CA ASN A 145 12.17 15.53 1.06
C ASN A 145 10.96 16.40 0.73
N ASN A 146 9.85 15.73 0.44
CA ASN A 146 8.64 16.38 -0.06
C ASN A 146 7.52 16.06 0.91
N PRO A 147 7.22 16.95 1.87
CA PRO A 147 6.22 16.60 2.88
C PRO A 147 4.84 16.41 2.30
N TYR A 148 4.50 17.15 1.24
CA TYR A 148 3.17 17.03 0.67
C TYR A 148 3.00 15.66 0.01
N LEU A 149 4.00 15.26 -0.77
CA LEU A 149 3.99 13.96 -1.42
C LEU A 149 4.03 12.83 -0.39
N GLN A 150 4.89 12.95 0.62
CA GLN A 150 4.99 11.91 1.64
C GLN A 150 3.66 11.72 2.36
N GLU A 151 3.07 12.80 2.82
CA GLU A 151 1.82 12.66 3.57
C GLU A 151 0.71 12.14 2.69
N THR A 152 0.67 12.57 1.42
CA THR A 152 -0.33 12.05 0.49
C THR A 152 -0.19 10.54 0.32
N VAL A 153 1.03 10.07 0.06
CA VAL A 153 1.25 8.63 -0.13
C VAL A 153 0.93 7.87 1.16
N GLU A 154 1.40 8.37 2.31
CA GLU A 154 1.10 7.70 3.57
C GLU A 154 -0.40 7.58 3.80
N ASN A 155 -1.16 8.63 3.47
CA ASN A 155 -2.61 8.60 3.67
C ASN A 155 -3.31 7.62 2.74
N LEU A 156 -2.71 7.31 1.59
CA LEU A 156 -3.29 6.38 0.62
C LEU A 156 -2.80 4.95 0.79
N LEU A 157 -1.77 4.73 1.62
CA LEU A 157 -1.19 3.39 1.73
C LEU A 157 -2.19 2.34 2.19
N PRO A 158 -3.07 2.60 3.17
CA PRO A 158 -4.07 1.56 3.53
C PRO A 158 -4.96 1.15 2.37
N ALA A 159 -5.49 2.11 1.60
CA ALA A 159 -6.35 1.77 0.48
C ALA A 159 -5.59 1.01 -0.60
N VAL A 160 -4.39 1.48 -0.94
CA VAL A 160 -3.54 0.76 -1.89
C VAL A 160 -3.25 -0.65 -1.40
N SER A 161 -2.90 -0.76 -0.12
CA SER A 161 -2.65 -2.06 0.52
C SER A 161 -3.80 -3.02 0.31
N ARG A 162 -5.01 -2.52 0.50
CA ARG A 162 -6.17 -3.39 0.43
C ARG A 162 -6.36 -3.93 -0.98
N ALA A 163 -6.17 -3.07 -1.98
CA ALA A 163 -6.30 -3.49 -3.38
C ALA A 163 -5.20 -4.45 -3.76
N TYR A 164 -3.96 -4.09 -3.42
CA TYR A 164 -2.81 -4.95 -3.72
C TYR A 164 -2.95 -6.31 -3.06
N HIS A 165 -3.41 -6.35 -1.81
CA HIS A 165 -3.63 -7.62 -1.12
C HIS A 165 -4.67 -8.46 -1.86
N LEU A 166 -5.72 -7.82 -2.35
CA LEU A 166 -6.72 -8.56 -3.13
C LEU A 166 -6.11 -9.14 -4.41
N ALA A 167 -5.23 -8.39 -5.06
CA ALA A 167 -4.59 -8.92 -6.26
C ALA A 167 -3.78 -10.17 -5.96
N LEU A 168 -3.06 -10.18 -4.84
CA LEU A 168 -2.28 -11.36 -4.47
C LEU A 168 -3.18 -12.50 -4.01
N GLU A 169 -4.30 -12.19 -3.36
CA GLU A 169 -5.25 -13.26 -3.04
C GLU A 169 -5.81 -13.89 -4.31
N ARG A 170 -5.96 -13.10 -5.37
CA ARG A 170 -6.44 -13.63 -6.65
C ARG A 170 -5.35 -14.40 -7.39
N ARG A 171 -4.08 -13.96 -7.29
CA ARG A 171 -3.02 -14.53 -8.13
C ARG A 171 -1.70 -14.49 -7.38
N LYS A 172 -1.30 -15.62 -6.79
CA LYS A 172 -0.03 -15.67 -6.06
C LYS A 172 1.14 -15.35 -6.96
N ALA A 173 1.07 -15.75 -8.24
CA ALA A 173 2.19 -15.47 -9.14
C ALA A 173 2.40 -13.98 -9.37
N GLU A 174 1.48 -13.14 -8.91
CA GLU A 174 1.70 -11.70 -8.98
C GLU A 174 2.88 -11.28 -8.12
N MET A 175 3.22 -12.05 -7.08
CA MET A 175 4.43 -11.72 -6.32
C MET A 175 5.67 -11.86 -7.18
N ASN A 176 5.76 -12.94 -7.95
CA ASN A 176 6.84 -13.06 -8.92
C ASN A 176 6.83 -11.92 -9.94
N GLN A 177 5.63 -11.53 -10.40
CA GLN A 177 5.55 -10.44 -11.38
C GLN A 177 6.01 -9.13 -10.78
N PHE A 178 5.55 -8.82 -9.55
CA PHE A 178 5.97 -7.59 -8.89
C PHE A 178 7.50 -7.54 -8.73
N LEU A 179 8.10 -8.67 -8.33
CA LEU A 179 9.55 -8.68 -8.12
C LEU A 179 10.30 -8.39 -9.42
N GLY A 180 9.85 -8.99 -10.53
CA GLY A 180 10.48 -8.71 -11.81
C GLY A 180 10.40 -7.25 -12.20
N SER A 181 9.20 -6.65 -12.03
CA SER A 181 9.05 -5.22 -12.34
C SER A 181 9.85 -4.35 -11.37
N PHE A 182 9.85 -4.71 -10.08
CA PHE A 182 10.63 -3.93 -9.12
C PHE A 182 12.10 -3.92 -9.48
N ALA A 183 12.62 -5.09 -9.91
CA ALA A 183 14.02 -5.17 -10.32
C ALA A 183 14.29 -4.26 -11.51
N GLN A 184 13.34 -4.19 -12.45
CA GLN A 184 13.50 -3.30 -13.59
C GLN A 184 13.45 -1.84 -13.16
N LEU A 185 12.55 -1.52 -12.22
CA LEU A 185 12.47 -0.15 -11.70
C LEU A 185 13.76 0.25 -11.00
N LEU A 186 14.28 -0.63 -10.15
CA LEU A 186 15.51 -0.31 -9.44
C LEU A 186 16.66 -0.06 -10.42
N GLN A 187 16.75 -0.88 -11.48
CA GLN A 187 17.81 -0.68 -12.47
C GLN A 187 17.64 0.62 -13.21
N ALA A 188 16.39 1.00 -13.53
CA ALA A 188 16.13 2.28 -14.18
C ALA A 188 16.47 3.46 -13.27
N VAL A 189 16.22 3.31 -11.96
CA VAL A 189 16.62 4.35 -11.00
C VAL A 189 18.14 4.43 -10.89
N ILE A 190 18.80 3.29 -10.80
CA ILE A 190 20.26 3.27 -10.83
C ILE A 190 20.77 3.92 -12.12
N ALA A 191 20.11 3.63 -13.24
CA ALA A 191 20.50 4.22 -14.52
C ALA A 191 20.06 5.66 -14.67
N ARG A 192 19.30 6.20 -13.71
CA ARG A 192 18.80 7.56 -13.77
C ARG A 192 18.02 7.80 -15.06
N ASP A 193 17.27 6.78 -15.50
CA ASP A 193 16.52 6.82 -16.77
C ASP A 193 15.05 7.10 -16.45
N GLU A 194 14.65 8.36 -16.58
CA GLU A 194 13.31 8.75 -16.16
C GLU A 194 12.24 8.24 -17.12
N ALA A 195 12.54 8.17 -18.43
CA ALA A 195 11.59 7.59 -19.36
C ALA A 195 11.29 6.14 -19.02
N ARG A 196 12.32 5.37 -18.66
CA ARG A 196 12.11 3.97 -18.33
C ARG A 196 11.40 3.83 -16.99
N ILE A 197 11.70 4.71 -16.02
CA ILE A 197 11.00 4.69 -14.74
C ILE A 197 9.50 4.83 -14.96
N ARG A 198 9.09 5.78 -15.79
CA ARG A 198 7.67 5.99 -16.03
C ARG A 198 7.07 4.80 -16.75
N GLU A 199 7.78 4.25 -17.74
CA GLU A 199 7.29 3.08 -18.45
C GLU A 199 7.03 1.91 -17.50
N VAL A 200 7.99 1.63 -16.61
CA VAL A 200 7.85 0.47 -15.73
C VAL A 200 6.66 0.66 -14.80
N LEU A 201 6.56 1.85 -14.21
CA LEU A 201 5.50 2.09 -13.23
C LEU A 201 4.14 2.13 -13.89
N LEU A 202 4.05 2.74 -15.08
CA LEU A 202 2.77 2.79 -15.79
C LEU A 202 2.35 1.41 -16.26
N GLU A 203 3.30 0.61 -16.75
CA GLU A 203 2.94 -0.72 -17.24
C GLU A 203 2.54 -1.62 -16.09
N TYR A 204 3.34 -1.64 -15.00
CA TYR A 204 2.96 -2.50 -13.89
C TYR A 204 1.68 -1.98 -13.25
N GLY A 205 1.53 -0.66 -13.15
CA GLY A 205 0.31 -0.10 -12.57
C GLY A 205 -0.94 -0.55 -13.32
N ARG A 206 -0.91 -0.48 -14.65
CA ARG A 206 -2.08 -0.89 -15.41
C ARG A 206 -2.34 -2.39 -15.24
N HIS A 207 -1.28 -3.19 -15.23
CA HIS A 207 -1.42 -4.63 -15.06
C HIS A 207 -2.02 -4.97 -13.72
N ASN A 208 -1.46 -4.41 -12.65
CA ASN A 208 -1.96 -4.72 -11.31
C ASN A 208 -3.39 -4.21 -11.13
N CYS A 209 -3.68 -3.02 -11.68
CA CYS A 209 -5.05 -2.52 -11.59
C CYS A 209 -6.03 -3.49 -12.26
N GLN A 210 -5.69 -3.98 -13.44
CA GLN A 210 -6.61 -4.89 -14.13
C GLN A 210 -6.77 -6.20 -13.37
N LEU A 211 -5.72 -6.65 -12.67
CA LEU A 211 -5.85 -7.84 -11.83
C LEU A 211 -6.81 -7.59 -10.67
N VAL A 212 -6.70 -6.42 -10.01
CA VAL A 212 -7.69 -6.08 -8.99
C VAL A 212 -9.10 -6.04 -9.58
N LEU A 213 -9.25 -5.45 -10.77
CA LEU A 213 -10.57 -5.39 -11.41
C LEU A 213 -11.10 -6.78 -11.72
N ALA A 214 -10.22 -7.69 -12.13
CA ALA A 214 -10.64 -9.07 -12.37
C ALA A 214 -11.20 -9.69 -11.10
N ALA A 215 -10.52 -9.46 -9.97
CA ALA A 215 -11.02 -9.97 -8.68
C ALA A 215 -12.37 -9.35 -8.32
N LEU A 216 -12.50 -8.03 -8.50
CA LEU A 216 -13.78 -7.37 -8.24
C LEU A 216 -14.90 -7.98 -9.06
N ALA A 217 -14.63 -8.30 -10.33
CA ALA A 217 -15.67 -8.85 -11.21
C ALA A 217 -16.13 -10.22 -10.76
N GLU A 218 -15.35 -10.90 -9.92
CA GLU A 218 -15.66 -12.26 -9.48
C GLU A 218 -16.23 -12.31 -8.07
N ARG A 219 -16.49 -11.16 -7.46
CA ARG A 219 -17.15 -11.11 -6.15
C ARG A 219 -18.53 -11.78 -6.18
#